data_6WX1
#
_entry.id   6WX1
#
_cell.length_a   94.660
_cell.length_b   113.960
_cell.length_c   40.840
_cell.angle_alpha   90.000
_cell.angle_beta   90.000
_cell.angle_gamma   90.000
#
_symmetry.space_group_name_H-M   'P 21 21 2'
#
loop_
_entity.id
_entity.type
_entity.pdbx_description
1 polymer 'OKT9 Fab Light Chain'
2 polymer 'OKT9 Fab Heavy Chain'
3 non-polymer GLYCEROL
4 water water
#
loop_
_entity_poly.entity_id
_entity_poly.type
_entity_poly.pdbx_seq_one_letter_code
_entity_poly.pdbx_strand_id
1 'polypeptide(L)'
;DIVMTQSPSSLTVTAGERVTMSCKSSQSLFNSANQENYLTWYQQRPGQPPKLLIYWASTRDSGVPDRFTGSGSGTDFTLT
ISSVQAEDLAVYYCQNDYSYPLTFGAGTKLELKRADAAPTVSIFPPSSEQLTSGGASVVCFLNNFYPKDINVKWKIEGSE
RQNGVLNSWTDQDSKDSTYSMSSTLTLTKDEYERHNSYTCEATHKTSTSPIVKSFNRNE
;
L
2 'polypeptide(L)'
;QIQLQQSGPELVKPGTSMNISCKASGYTFTNYYMHWVRQRPGQGLEWIGWIYPGDGNTHYNEKFKGKTTLTADTSSITAY
MLLSSLTSEDSAVYFCARDNSGYVGFPYWGQGTLVTVSAAKTTPPSVYPLAPGSAAQTNSMVTLGCLVKGYFPEPVTVTW
NSGSLSSGVHTFPAVLQSDLYTLSSSVTVPSSTWPSDTVTCNVAHPASSTKVDKKIVPR
;
H
#
loop_
_chem_comp.id
_chem_comp.type
_chem_comp.name
_chem_comp.formula
GOL non-polymer GLYCEROL 'C3 H8 O3'
#
# COMPACT_ATOMS: atom_id res chain seq x y z
N ASP A 1 9.94 -11.70 25.61
CA ASP A 1 8.95 -11.24 24.64
C ASP A 1 7.59 -11.01 25.29
N ILE A 2 7.17 -9.75 25.37
CA ILE A 2 5.80 -9.44 25.76
C ILE A 2 4.94 -9.57 24.50
N VAL A 3 4.04 -10.54 24.50
CA VAL A 3 3.18 -10.80 23.35
C VAL A 3 1.97 -9.88 23.44
N MET A 4 1.68 -9.18 22.35
CA MET A 4 0.53 -8.28 22.25
C MET A 4 -0.52 -8.93 21.36
N THR A 5 -1.68 -9.22 21.93
CA THR A 5 -2.77 -9.88 21.22
C THR A 5 -3.88 -8.88 20.96
N GLN A 6 -4.21 -8.69 19.68
CA GLN A 6 -5.26 -7.77 19.27
C GLN A 6 -6.45 -8.56 18.73
N SER A 7 -7.65 -8.07 19.04
CA SER A 7 -8.89 -8.69 18.60
C SER A 7 -9.92 -7.62 18.27
N PRO A 8 -10.72 -7.82 17.22
CA PRO A 8 -10.62 -8.97 16.31
C PRO A 8 -9.59 -8.70 15.21
N SER A 9 -9.42 -9.65 14.29
CA SER A 9 -8.51 -9.42 13.18
C SER A 9 -9.02 -8.32 12.26
N SER A 10 -10.33 -8.19 12.11
CA SER A 10 -10.89 -7.16 11.26
C SER A 10 -12.27 -6.74 11.77
N LEU A 11 -12.57 -5.47 11.60
CA LEU A 11 -13.88 -4.91 11.91
C LEU A 11 -14.59 -4.49 10.63
N THR A 12 -15.91 -4.48 10.68
CA THR A 12 -16.73 -3.92 9.60
C THR A 12 -17.86 -3.14 10.24
N VAL A 13 -18.01 -1.88 9.83
CA VAL A 13 -18.92 -0.96 10.49
C VAL A 13 -19.45 0.03 9.46
N THR A 14 -20.67 0.50 9.67
CA THR A 14 -21.23 1.56 8.86
C THR A 14 -20.76 2.91 9.37
N ALA A 15 -20.56 3.86 8.45
CA ALA A 15 -20.11 5.20 8.82
C ALA A 15 -21.04 5.81 9.86
N GLY A 16 -20.45 6.34 10.93
CA GLY A 16 -21.18 6.96 12.00
C GLY A 16 -21.35 6.12 13.25
N GLU A 17 -21.14 4.81 13.14
CA GLU A 17 -21.29 3.92 14.28
C GLU A 17 -19.99 3.86 15.09
N ARG A 18 -20.06 3.23 16.26
CA ARG A 18 -18.95 3.16 17.18
C ARG A 18 -18.35 1.76 17.18
N VAL A 19 -17.02 1.71 17.18
CA VAL A 19 -16.29 0.45 17.25
C VAL A 19 -15.34 0.47 18.43
N THR A 20 -15.05 -0.71 18.96
CA THR A 20 -14.03 -0.88 19.99
C THR A 20 -13.22 -2.12 19.67
N MET A 21 -11.90 -1.97 19.62
CA MET A 21 -10.98 -3.06 19.40
C MET A 21 -10.12 -3.25 20.65
N SER A 22 -9.70 -4.49 20.87
CA SER A 22 -9.02 -4.86 22.10
C SER A 22 -7.55 -5.16 21.85
N CYS A 23 -6.72 -4.85 22.83
CA CYS A 23 -5.32 -5.22 22.84
C CYS A 23 -4.97 -5.77 24.20
N LYS A 24 -4.43 -6.98 24.24
CA LYS A 24 -4.05 -7.64 25.49
C LYS A 24 -2.56 -7.96 25.45
N SER A 25 -1.89 -7.71 26.56
CA SER A 25 -0.46 -7.96 26.71
C SER A 25 -0.24 -9.16 27.63
N SER A 26 0.74 -9.98 27.29
CA SER A 26 1.03 -11.17 28.09
C SER A 26 1.57 -10.82 29.46
N GLN A 27 2.09 -9.61 29.64
CA GLN A 27 2.52 -9.13 30.95
C GLN A 27 2.08 -7.67 31.09
N SER A 28 2.00 -7.22 32.34
CA SER A 28 1.49 -5.89 32.63
C SER A 28 2.41 -4.82 32.07
N LEU A 29 1.81 -3.83 31.40
CA LEU A 29 2.51 -2.64 30.96
C LEU A 29 2.35 -1.49 31.93
N PHE A 30 1.84 -1.75 33.12
CA PHE A 30 1.56 -0.73 34.11
C PHE A 30 2.78 -0.53 35.00
N ASN A 31 3.29 0.70 35.04
CA ASN A 31 4.39 1.06 35.93
C ASN A 31 3.78 1.54 37.24
N SER A 32 3.91 0.73 38.29
CA SER A 32 3.32 1.07 39.58
C SER A 32 3.98 2.29 40.22
N ALA A 33 5.20 2.64 39.79
CA ALA A 33 5.90 3.77 40.40
C ALA A 33 5.26 5.09 40.02
N ASN A 34 5.02 5.32 38.73
CA ASN A 34 4.40 6.54 38.26
C ASN A 34 2.95 6.35 37.86
N GLN A 35 2.41 5.14 37.99
CA GLN A 35 1.00 4.84 37.70
C GLN A 35 0.65 5.18 36.25
N GLU A 36 1.50 4.74 35.33
CA GLU A 36 1.29 4.95 33.91
C GLU A 36 1.34 3.63 33.17
N ASN A 37 0.55 3.52 32.10
CA ASN A 37 0.54 2.35 31.24
C ASN A 37 1.33 2.68 29.97
N TYR A 38 2.38 1.89 29.72
CA TYR A 38 3.26 2.13 28.58
C TYR A 38 2.69 1.41 27.35
N LEU A 39 1.56 1.93 26.88
CA LEU A 39 0.82 1.35 25.76
C LEU A 39 0.55 2.43 24.73
N THR A 40 0.80 2.12 23.47
CA THR A 40 0.70 3.08 22.38
C THR A 40 -0.14 2.51 21.24
N TRP A 41 -0.98 3.35 20.65
CA TRP A 41 -1.84 2.97 19.53
C TRP A 41 -1.39 3.68 18.27
N TYR A 42 -1.43 2.97 17.14
CA TYR A 42 -1.06 3.51 15.85
C TYR A 42 -2.15 3.24 14.83
N GLN A 43 -2.25 4.13 13.84
CA GLN A 43 -3.12 3.96 12.69
C GLN A 43 -2.25 3.95 11.43
N GLN A 44 -2.43 2.93 10.59
CA GLN A 44 -1.64 2.79 9.38
C GLN A 44 -2.59 2.64 8.19
N ARG A 45 -2.64 3.67 7.35
CA ARG A 45 -3.35 3.61 6.08
C ARG A 45 -2.51 2.87 5.05
N PRO A 46 -3.14 2.30 4.01
CA PRO A 46 -2.39 1.49 3.05
C PRO A 46 -1.27 2.29 2.39
N GLY A 47 -0.09 1.67 2.32
CA GLY A 47 1.07 2.26 1.67
C GLY A 47 1.74 3.37 2.43
N GLN A 48 1.30 3.68 3.65
CA GLN A 48 1.83 4.78 4.43
C GLN A 48 2.45 4.27 5.72
N PRO A 49 3.35 5.02 6.34
CA PRO A 49 3.90 4.62 7.63
C PRO A 49 2.85 4.73 8.73
N PRO A 50 3.04 4.04 9.85
CA PRO A 50 2.08 4.17 10.95
C PRO A 50 2.06 5.59 11.50
N LYS A 51 0.88 6.00 11.95
CA LYS A 51 0.67 7.32 12.52
C LYS A 51 0.31 7.17 14.00
N LEU A 52 1.00 7.93 14.85
CA LEU A 52 0.78 7.84 16.29
C LEU A 52 -0.59 8.37 16.65
N LEU A 53 -1.42 7.54 17.29
CA LEU A 53 -2.75 7.92 17.72
C LEU A 53 -2.78 8.30 19.20
N ILE A 54 -2.45 7.36 20.08
CA ILE A 54 -2.56 7.55 21.52
C ILE A 54 -1.35 6.93 22.19
N TYR A 55 -0.81 7.64 23.19
CA TYR A 55 0.26 7.13 24.03
C TYR A 55 -0.17 7.23 25.48
N TRP A 56 0.61 6.60 26.36
CA TRP A 56 0.26 6.45 27.77
C TRP A 56 -1.11 5.80 27.94
N ALA A 57 -1.47 4.93 26.99
CA ALA A 57 -2.72 4.16 26.98
C ALA A 57 -3.95 5.03 26.70
N SER A 58 -3.94 6.30 27.12
CA SER A 58 -5.15 7.11 27.01
C SER A 58 -4.92 8.55 26.56
N THR A 59 -3.68 9.01 26.39
CA THR A 59 -3.41 10.39 26.03
C THR A 59 -3.30 10.52 24.51
N ARG A 60 -4.18 11.33 23.92
CA ARG A 60 -4.17 11.53 22.47
C ARG A 60 -3.02 12.44 22.07
N ASP A 61 -2.39 12.12 20.94
CA ASP A 61 -1.34 12.97 20.41
C ASP A 61 -1.94 14.23 19.78
N SER A 62 -1.08 15.23 19.60
CA SER A 62 -1.49 16.48 18.95
C SER A 62 -2.14 16.18 17.61
N GLY A 63 -3.31 16.78 17.38
CA GLY A 63 -3.98 16.70 16.11
C GLY A 63 -4.80 15.45 15.86
N VAL A 64 -5.01 14.62 16.88
CA VAL A 64 -5.84 13.43 16.74
C VAL A 64 -7.25 13.79 17.16
N PRO A 65 -8.27 13.46 16.37
CA PRO A 65 -9.64 13.82 16.74
C PRO A 65 -10.06 13.16 18.05
N ASP A 66 -11.01 13.80 18.74
CA ASP A 66 -11.48 13.30 20.02
C ASP A 66 -12.35 12.06 19.90
N ARG A 67 -12.73 11.67 18.68
CA ARG A 67 -13.49 10.43 18.51
C ARG A 67 -12.65 9.20 18.79
N PHE A 68 -11.32 9.34 18.76
CA PHE A 68 -10.42 8.27 19.17
C PHE A 68 -10.20 8.33 20.67
N THR A 69 -10.45 7.22 21.35
CA THR A 69 -10.28 7.15 22.80
C THR A 69 -9.65 5.83 23.19
N GLY A 70 -8.57 5.89 23.95
CA GLY A 70 -7.88 4.70 24.46
C GLY A 70 -8.17 4.53 25.93
N SER A 71 -8.44 3.29 26.35
CA SER A 71 -8.75 2.97 27.73
C SER A 71 -7.99 1.71 28.13
N GLY A 72 -8.11 1.34 29.40
CA GLY A 72 -7.56 0.12 29.91
C GLY A 72 -6.34 0.37 30.80
N SER A 73 -5.94 -0.70 31.48
CA SER A 73 -4.80 -0.66 32.38
C SER A 73 -4.30 -2.08 32.60
N GLY A 74 -3.01 -2.19 32.94
CA GLY A 74 -2.40 -3.48 33.18
C GLY A 74 -2.16 -4.28 31.92
N THR A 75 -3.03 -5.27 31.66
CA THR A 75 -2.90 -6.13 30.50
C THR A 75 -4.05 -6.01 29.52
N ASP A 76 -5.10 -5.25 29.85
CA ASP A 76 -6.28 -5.12 29.01
C ASP A 76 -6.40 -3.69 28.54
N PHE A 77 -6.41 -3.50 27.22
CA PHE A 77 -6.49 -2.16 26.63
C PHE A 77 -7.47 -2.18 25.47
N THR A 78 -8.13 -1.05 25.26
CA THR A 78 -9.11 -0.91 24.18
C THR A 78 -8.88 0.40 23.45
N LEU A 79 -9.21 0.39 22.16
CA LEU A 79 -9.24 1.59 21.33
C LEU A 79 -10.66 1.76 20.80
N THR A 80 -11.26 2.90 21.06
CA THR A 80 -12.64 3.16 20.69
C THR A 80 -12.70 4.35 19.73
N ILE A 81 -13.44 4.17 18.63
CA ILE A 81 -13.77 5.25 17.71
C ILE A 81 -15.27 5.48 17.84
N SER A 82 -15.64 6.65 18.38
CA SER A 82 -17.04 6.90 18.72
C SER A 82 -17.91 7.08 17.48
N SER A 83 -17.35 7.65 16.41
CA SER A 83 -18.10 7.88 15.16
C SER A 83 -17.12 7.65 14.01
N VAL A 84 -17.09 6.41 13.51
CA VAL A 84 -16.13 6.05 12.47
C VAL A 84 -16.43 6.83 11.20
N GLN A 85 -15.41 7.46 10.66
CA GLN A 85 -15.48 8.16 9.38
C GLN A 85 -14.97 7.26 8.27
N ALA A 86 -15.32 7.64 7.02
CA ALA A 86 -14.80 6.91 5.87
C ALA A 86 -13.28 6.97 5.82
N GLU A 87 -12.69 8.07 6.29
CA GLU A 87 -11.24 8.23 6.31
C GLU A 87 -10.56 7.35 7.36
N ASP A 88 -11.32 6.78 8.31
CA ASP A 88 -10.73 5.99 9.38
C ASP A 88 -10.40 4.57 8.95
N LEU A 89 -10.62 4.21 7.69
CA LEU A 89 -10.24 2.89 7.20
C LEU A 89 -8.73 2.73 7.25
N ALA A 90 -8.27 1.75 8.03
CA ALA A 90 -6.84 1.53 8.24
C ALA A 90 -6.67 0.26 9.05
N VAL A 91 -5.41 -0.11 9.29
CA VAL A 91 -5.04 -1.15 10.24
C VAL A 91 -4.51 -0.48 11.49
N TYR A 92 -5.06 -0.84 12.64
CA TYR A 92 -4.71 -0.20 13.90
C TYR A 92 -3.84 -1.16 14.73
N TYR A 93 -2.72 -0.67 15.21
CA TYR A 93 -1.73 -1.47 15.92
C TYR A 93 -1.57 -0.96 17.34
N CYS A 94 -1.44 -1.87 18.30
CA CYS A 94 -1.00 -1.48 19.63
C CYS A 94 0.46 -1.91 19.79
N GLN A 95 1.16 -1.23 20.70
CA GLN A 95 2.60 -1.43 20.85
C GLN A 95 2.97 -1.42 22.33
N ASN A 96 3.74 -2.43 22.73
CA ASN A 96 4.37 -2.44 24.04
C ASN A 96 5.56 -1.48 24.03
N ASP A 97 5.47 -0.42 24.81
CA ASP A 97 6.57 0.52 25.00
C ASP A 97 7.04 0.50 26.44
N TYR A 98 6.98 -0.68 27.07
CA TYR A 98 7.30 -0.86 28.47
C TYR A 98 8.65 -1.55 28.70
N SER A 99 8.92 -2.62 27.96
CA SER A 99 10.14 -3.40 28.17
C SER A 99 10.65 -3.91 26.84
N TYR A 100 11.97 -4.11 26.78
CA TYR A 100 12.61 -4.58 25.55
C TYR A 100 12.47 -6.10 25.44
N PRO A 101 12.26 -6.64 24.23
CA PRO A 101 12.09 -5.85 23.00
C PRO A 101 10.72 -5.21 22.89
N LEU A 102 10.65 -4.01 22.31
CA LEU A 102 9.37 -3.41 21.99
C LEU A 102 8.64 -4.30 20.99
N THR A 103 7.35 -4.51 21.24
CA THR A 103 6.56 -5.44 20.44
C THR A 103 5.24 -4.80 20.04
N PHE A 104 4.76 -5.19 18.86
CA PHE A 104 3.49 -4.73 18.32
C PHE A 104 2.49 -5.87 18.29
N GLY A 105 1.21 -5.51 18.35
CA GLY A 105 0.17 -6.47 18.07
C GLY A 105 0.07 -6.75 16.57
N ALA A 106 -0.74 -7.74 16.23
CA ALA A 106 -0.90 -8.12 14.83
C ALA A 106 -1.80 -7.17 14.06
N GLY A 107 -2.44 -6.22 14.73
CA GLY A 107 -3.24 -5.23 14.04
C GLY A 107 -4.71 -5.63 13.92
N THR A 108 -5.57 -4.62 13.85
CA THR A 108 -7.00 -4.80 13.63
C THR A 108 -7.39 -3.96 12.42
N LYS A 109 -7.92 -4.61 11.39
CA LYS A 109 -8.26 -3.95 10.14
C LYS A 109 -9.68 -3.41 10.23
N LEU A 110 -9.82 -2.10 10.14
CA LEU A 110 -11.13 -1.45 10.19
C LEU A 110 -11.64 -1.25 8.76
N GLU A 111 -12.68 -1.98 8.40
CA GLU A 111 -13.35 -1.85 7.11
C GLU A 111 -14.72 -1.21 7.30
N LEU A 112 -15.24 -0.62 6.24
CA LEU A 112 -16.49 0.12 6.32
C LEU A 112 -17.60 -0.58 5.54
N LYS A 113 -18.83 -0.34 5.99
CA LYS A 113 -20.03 -0.90 5.39
C LYS A 113 -20.86 0.23 4.82
N ARG A 114 -21.42 0.02 3.62
CA ARG A 114 -22.17 1.06 2.94
C ARG A 114 -23.22 0.42 2.04
N ALA A 115 -23.98 1.27 1.37
CA ALA A 115 -25.03 0.80 0.47
C ALA A 115 -24.43 0.13 -0.76
N ASP A 116 -25.14 -0.86 -1.28
CA ASP A 116 -24.70 -1.56 -2.48
C ASP A 116 -24.58 -0.58 -3.64
N ALA A 117 -23.57 -0.80 -4.48
CA ALA A 117 -23.31 0.07 -5.62
C ALA A 117 -22.86 -0.78 -6.80
N ALA A 118 -23.50 -0.57 -7.95
CA ALA A 118 -23.13 -1.30 -9.14
C ALA A 118 -21.81 -0.78 -9.70
N PRO A 119 -21.00 -1.66 -10.27
CA PRO A 119 -19.72 -1.21 -10.84
C PRO A 119 -19.91 -0.53 -12.19
N THR A 120 -18.95 0.33 -12.51
CA THR A 120 -18.83 0.93 -13.84
C THR A 120 -17.75 0.17 -14.59
N VAL A 121 -18.12 -0.40 -15.75
CA VAL A 121 -17.27 -1.33 -16.48
C VAL A 121 -16.73 -0.64 -17.72
N SER A 122 -15.42 -0.77 -17.95
CA SER A 122 -14.76 -0.24 -19.12
C SER A 122 -13.78 -1.28 -19.65
N ILE A 123 -13.78 -1.49 -20.96
CA ILE A 123 -12.89 -2.45 -21.61
C ILE A 123 -11.95 -1.68 -22.52
N PHE A 124 -10.70 -2.14 -22.60
CA PHE A 124 -9.66 -1.43 -23.35
C PHE A 124 -8.88 -2.41 -24.21
N PRO A 125 -8.75 -2.14 -25.51
CA PRO A 125 -7.99 -3.03 -26.39
C PRO A 125 -6.50 -2.88 -26.16
N PRO A 126 -5.69 -3.80 -26.66
CA PRO A 126 -4.24 -3.63 -26.57
C PRO A 126 -3.79 -2.40 -27.33
N SER A 127 -2.78 -1.72 -26.80
CA SER A 127 -2.22 -0.57 -27.47
C SER A 127 -1.36 -1.02 -28.65
N SER A 128 -1.23 -0.14 -29.64
CA SER A 128 -0.37 -0.45 -30.79
C SER A 128 1.08 -0.61 -30.37
N GLU A 129 1.48 0.03 -29.26
CA GLU A 129 2.84 -0.13 -28.78
C GLU A 129 3.06 -1.52 -28.20
N GLN A 130 2.05 -2.08 -27.53
CA GLN A 130 2.20 -3.43 -26.99
C GLN A 130 2.09 -4.48 -28.08
N LEU A 131 1.39 -4.19 -29.18
CA LEU A 131 1.30 -5.15 -30.26
C LEU A 131 2.66 -5.38 -30.91
N THR A 132 3.53 -4.38 -30.90
CA THR A 132 4.90 -4.57 -31.34
C THR A 132 5.72 -5.35 -30.32
N SER A 133 5.26 -5.47 -29.08
CA SER A 133 5.92 -6.29 -28.08
C SER A 133 5.77 -7.78 -28.34
N GLY A 134 4.92 -8.19 -29.28
CA GLY A 134 4.56 -9.58 -29.41
C GLY A 134 3.52 -10.04 -28.42
N GLY A 135 3.06 -9.15 -27.53
CA GLY A 135 2.02 -9.46 -26.58
C GLY A 135 0.81 -8.56 -26.80
N ALA A 136 -0.29 -8.93 -26.16
CA ALA A 136 -1.53 -8.18 -26.29
C ALA A 136 -2.34 -8.32 -25.02
N SER A 137 -2.56 -7.22 -24.31
CA SER A 137 -3.31 -7.20 -23.07
C SER A 137 -4.67 -6.57 -23.31
N VAL A 138 -5.72 -7.24 -22.86
CA VAL A 138 -7.07 -6.70 -22.86
C VAL A 138 -7.45 -6.43 -21.40
N VAL A 139 -7.67 -5.17 -21.08
CA VAL A 139 -7.89 -4.72 -19.71
C VAL A 139 -9.35 -4.35 -19.53
N CYS A 140 -9.92 -4.74 -18.39
CA CYS A 140 -11.29 -4.40 -18.04
C CYS A 140 -11.31 -3.81 -16.64
N PHE A 141 -11.79 -2.57 -16.53
CA PHE A 141 -11.89 -1.87 -15.25
C PHE A 141 -13.32 -1.98 -14.71
N LEU A 142 -13.43 -2.34 -13.44
CA LEU A 142 -14.72 -2.41 -12.73
C LEU A 142 -14.60 -1.47 -11.54
N ASN A 143 -15.09 -0.24 -11.69
CA ASN A 143 -14.79 0.83 -10.76
C ASN A 143 -15.97 1.14 -9.85
N ASN A 144 -15.66 1.35 -8.57
CA ASN A 144 -16.58 1.91 -7.58
C ASN A 144 -17.85 1.06 -7.44
N PHE A 145 -17.67 -0.07 -6.74
CA PHE A 145 -18.79 -0.96 -6.43
C PHE A 145 -18.71 -1.39 -4.98
N TYR A 146 -19.81 -1.97 -4.50
CA TYR A 146 -19.90 -2.51 -3.15
C TYR A 146 -21.04 -3.51 -3.12
N PRO A 147 -20.87 -4.69 -2.48
CA PRO A 147 -19.69 -5.13 -1.72
C PRO A 147 -18.51 -5.54 -2.60
N LYS A 148 -17.46 -6.03 -1.95
CA LYS A 148 -16.21 -6.32 -2.65
C LYS A 148 -16.33 -7.52 -3.58
N ASP A 149 -17.16 -8.48 -3.24
CA ASP A 149 -17.27 -9.70 -4.04
C ASP A 149 -17.84 -9.39 -5.42
N ILE A 150 -17.15 -9.87 -6.46
CA ILE A 150 -17.56 -9.63 -7.83
C ILE A 150 -16.92 -10.69 -8.71
N ASN A 151 -17.58 -11.01 -9.82
CA ASN A 151 -17.10 -12.02 -10.76
C ASN A 151 -16.87 -11.38 -12.13
N VAL A 152 -15.81 -11.83 -12.81
CA VAL A 152 -15.48 -11.37 -14.15
C VAL A 152 -15.27 -12.59 -15.04
N LYS A 153 -15.93 -12.59 -16.20
CA LYS A 153 -15.76 -13.64 -17.19
C LYS A 153 -15.34 -13.02 -18.51
N TRP A 154 -14.35 -13.63 -19.16
CA TRP A 154 -13.86 -13.17 -20.45
C TRP A 154 -14.37 -14.08 -21.55
N LYS A 155 -14.70 -13.49 -22.70
CA LYS A 155 -15.22 -14.24 -23.83
C LYS A 155 -14.52 -13.76 -25.10
N ILE A 156 -14.04 -14.70 -25.91
CA ILE A 156 -13.40 -14.41 -27.18
C ILE A 156 -14.28 -15.02 -28.27
N GLU A 157 -14.99 -14.18 -29.01
CA GLU A 157 -16.02 -14.59 -29.96
C GLU A 157 -17.03 -15.53 -29.29
N GLY A 158 -17.52 -15.10 -28.14
CA GLY A 158 -18.56 -15.84 -27.44
C GLY A 158 -18.10 -17.07 -26.68
N SER A 159 -16.82 -17.41 -26.73
CA SER A 159 -16.28 -18.56 -26.01
C SER A 159 -15.52 -18.08 -24.79
N GLU A 160 -15.80 -18.68 -23.64
CA GLU A 160 -15.18 -18.26 -22.39
C GLU A 160 -13.71 -18.66 -22.35
N ARG A 161 -12.89 -17.76 -21.81
CA ARG A 161 -11.46 -17.97 -21.61
C ARG A 161 -11.17 -17.96 -20.11
N GLN A 162 -10.40 -18.95 -19.64
CA GLN A 162 -10.20 -19.13 -18.19
C GLN A 162 -8.88 -18.51 -17.73
N ASN A 163 -7.75 -19.10 -18.11
CA ASN A 163 -6.46 -18.62 -17.62
C ASN A 163 -5.83 -17.64 -18.62
N GLY A 164 -4.75 -17.01 -18.18
CA GLY A 164 -4.28 -15.77 -18.77
C GLY A 164 -4.95 -14.55 -18.21
N VAL A 165 -5.87 -14.72 -17.25
CA VAL A 165 -6.63 -13.65 -16.64
C VAL A 165 -6.09 -13.41 -15.24
N LEU A 166 -5.77 -12.15 -14.93
CA LEU A 166 -5.26 -11.77 -13.63
C LEU A 166 -6.09 -10.61 -13.09
N ASN A 167 -6.61 -10.76 -11.88
CA ASN A 167 -7.47 -9.77 -11.26
C ASN A 167 -6.79 -9.15 -10.05
N SER A 168 -7.11 -7.89 -9.77
CA SER A 168 -6.56 -7.19 -8.63
C SER A 168 -7.57 -6.19 -8.10
N TRP A 169 -7.88 -6.30 -6.81
CA TRP A 169 -8.80 -5.39 -6.14
C TRP A 169 -8.02 -4.24 -5.50
N THR A 170 -8.59 -3.04 -5.58
CA THR A 170 -8.05 -1.93 -4.82
C THR A 170 -8.37 -2.10 -3.34
N ASP A 171 -7.66 -1.33 -2.51
CA ASP A 171 -8.12 -1.14 -1.14
C ASP A 171 -9.45 -0.38 -1.18
N GLN A 172 -10.22 -0.49 -0.11
CA GLN A 172 -11.47 0.25 -0.01
C GLN A 172 -11.20 1.74 -0.15
N ASP A 173 -12.09 2.44 -0.86
CA ASP A 173 -11.91 3.85 -1.07
C ASP A 173 -12.07 4.61 0.25
N SER A 174 -11.18 5.57 0.48
CA SER A 174 -11.10 6.23 1.78
C SER A 174 -12.15 7.32 1.97
N LYS A 175 -13.03 7.57 0.99
CA LYS A 175 -14.02 8.61 1.17
C LYS A 175 -15.43 8.16 0.79
N ASP A 176 -15.57 7.29 -0.22
CA ASP A 176 -16.88 6.73 -0.56
C ASP A 176 -17.00 5.26 -0.23
N SER A 177 -15.95 4.63 0.31
CA SER A 177 -15.96 3.26 0.80
C SER A 177 -16.25 2.23 -0.28
N THR A 178 -16.04 2.57 -1.55
CA THR A 178 -16.27 1.63 -2.63
C THR A 178 -15.00 0.84 -2.96
N TYR A 179 -15.17 -0.21 -3.73
CA TYR A 179 -14.06 -1.02 -4.22
C TYR A 179 -13.99 -0.93 -5.74
N SER A 180 -12.79 -1.17 -6.26
CA SER A 180 -12.58 -1.27 -7.70
C SER A 180 -11.66 -2.46 -7.97
N MET A 181 -11.83 -3.06 -9.14
CA MET A 181 -11.00 -4.20 -9.53
C MET A 181 -10.68 -4.11 -11.01
N SER A 182 -9.50 -4.58 -11.37
CA SER A 182 -9.06 -4.68 -12.75
C SER A 182 -8.93 -6.14 -13.14
N SER A 183 -9.25 -6.45 -14.38
CA SER A 183 -9.10 -7.78 -14.94
C SER A 183 -8.37 -7.68 -16.26
N THR A 184 -7.22 -8.35 -16.36
CA THR A 184 -6.35 -8.25 -17.53
C THR A 184 -6.24 -9.61 -18.18
N LEU A 185 -6.65 -9.69 -19.46
CA LEU A 185 -6.46 -10.88 -20.27
C LEU A 185 -5.27 -10.66 -21.17
N THR A 186 -4.20 -11.42 -20.94
CA THR A 186 -2.96 -11.28 -21.69
C THR A 186 -2.79 -12.45 -22.64
N LEU A 187 -2.59 -12.15 -23.92
CA LEU A 187 -2.35 -13.14 -24.95
C LEU A 187 -1.16 -12.70 -25.79
N THR A 188 -0.72 -13.59 -26.67
CA THR A 188 0.30 -13.22 -27.65
C THR A 188 -0.34 -12.44 -28.78
N LYS A 189 0.50 -11.70 -29.51
CA LYS A 189 0.01 -10.92 -30.65
C LYS A 189 -0.63 -11.83 -31.69
N ASP A 190 -0.03 -13.00 -31.93
CA ASP A 190 -0.57 -13.92 -32.93
C ASP A 190 -1.92 -14.46 -32.51
N GLU A 191 -2.07 -14.86 -31.25
CA GLU A 191 -3.34 -15.38 -30.78
C GLU A 191 -4.39 -14.28 -30.66
N TYR A 192 -3.96 -13.05 -30.39
CA TYR A 192 -4.91 -11.94 -30.32
C TYR A 192 -5.47 -11.60 -31.70
N GLU A 193 -4.58 -11.51 -32.71
CA GLU A 193 -5.02 -11.23 -34.07
C GLU A 193 -5.72 -12.41 -34.72
N ARG A 194 -5.65 -13.61 -34.12
CA ARG A 194 -6.41 -14.74 -34.58
C ARG A 194 -7.91 -14.56 -34.36
N HIS A 195 -8.31 -13.56 -33.60
CA HIS A 195 -9.69 -13.36 -33.18
C HIS A 195 -10.11 -11.93 -33.45
N ASN A 196 -11.37 -11.62 -33.16
CA ASN A 196 -11.90 -10.29 -33.50
C ASN A 196 -12.71 -9.68 -32.37
N SER A 197 -13.57 -10.45 -31.72
CA SER A 197 -14.49 -9.95 -30.71
C SER A 197 -14.01 -10.36 -29.32
N TYR A 198 -13.89 -9.37 -28.43
CA TYR A 198 -13.44 -9.59 -27.06
C TYR A 198 -14.46 -8.98 -26.10
N THR A 199 -14.86 -9.74 -25.10
CA THR A 199 -15.98 -9.38 -24.23
C THR A 199 -15.59 -9.58 -22.78
N CYS A 200 -15.93 -8.58 -21.94
CA CYS A 200 -15.70 -8.64 -20.50
C CYS A 200 -17.05 -8.51 -19.80
N GLU A 201 -17.40 -9.51 -19.01
CA GLU A 201 -18.71 -9.59 -18.36
C GLU A 201 -18.53 -9.48 -16.85
N ALA A 202 -19.23 -8.52 -16.25
CA ALA A 202 -19.18 -8.28 -14.80
C ALA A 202 -20.53 -8.63 -14.20
N THR A 203 -20.54 -9.59 -13.27
CA THR A 203 -21.74 -9.98 -12.55
C THR A 203 -21.55 -9.64 -11.07
N HIS A 204 -22.33 -8.66 -10.60
CA HIS A 204 -22.29 -8.20 -9.22
C HIS A 204 -23.66 -8.44 -8.59
N LYS A 205 -23.68 -8.57 -7.27
CA LYS A 205 -24.93 -8.86 -6.57
C LYS A 205 -25.98 -7.77 -6.74
N THR A 206 -25.59 -6.59 -7.24
CA THR A 206 -26.55 -5.50 -7.45
C THR A 206 -27.46 -5.73 -8.65
N SER A 207 -27.28 -6.81 -9.41
CA SER A 207 -28.12 -7.08 -10.56
C SER A 207 -28.00 -8.55 -10.93
N THR A 208 -29.11 -9.12 -11.39
CA THR A 208 -29.09 -10.49 -11.91
C THR A 208 -28.58 -10.56 -13.34
N SER A 209 -28.51 -9.44 -14.04
CA SER A 209 -28.01 -9.39 -15.40
C SER A 209 -26.57 -8.90 -15.40
N PRO A 210 -25.66 -9.58 -16.08
CA PRO A 210 -24.27 -9.11 -16.13
C PRO A 210 -24.15 -7.79 -16.88
N ILE A 211 -23.13 -7.02 -16.50
CA ILE A 211 -22.73 -5.84 -17.27
C ILE A 211 -21.66 -6.29 -18.25
N VAL A 212 -21.93 -6.12 -19.54
CA VAL A 212 -21.12 -6.72 -20.60
C VAL A 212 -20.59 -5.60 -21.49
N LYS A 213 -19.27 -5.46 -21.54
CA LYS A 213 -18.61 -4.53 -22.44
C LYS A 213 -17.81 -5.32 -23.47
N SER A 214 -17.84 -4.86 -24.73
CA SER A 214 -17.23 -5.60 -25.83
C SER A 214 -16.37 -4.68 -26.68
N PHE A 215 -15.36 -5.27 -27.30
CA PHE A 215 -14.50 -4.58 -28.25
C PHE A 215 -14.27 -5.48 -29.45
N ASN A 216 -14.31 -4.91 -30.65
CA ASN A 216 -14.03 -5.63 -31.88
C ASN A 216 -12.79 -5.01 -32.54
N ARG A 217 -11.93 -5.87 -33.07
CA ARG A 217 -10.69 -5.41 -33.68
C ARG A 217 -10.92 -4.56 -34.92
N ASN A 218 -12.09 -4.71 -35.57
CA ASN A 218 -12.37 -3.98 -36.80
C ASN A 218 -13.36 -2.84 -36.60
N GLU A 219 -13.46 -2.32 -35.37
CA GLU A 219 -14.33 -1.19 -35.08
C GLU A 219 -13.89 0.05 -35.86
N GLN B 1 8.25 20.87 11.43
CA GLN B 1 8.78 20.49 10.13
C GLN B 1 9.77 19.33 10.24
N ILE B 2 9.41 18.33 11.05
CA ILE B 2 10.23 17.13 11.15
C ILE B 2 10.08 16.32 9.88
N GLN B 3 11.20 15.83 9.35
CA GLN B 3 11.21 15.04 8.12
C GLN B 3 12.24 13.94 8.25
N LEU B 4 11.79 12.70 8.13
CA LEU B 4 12.67 11.54 8.04
C LEU B 4 12.62 11.03 6.61
N GLN B 5 13.69 11.27 5.85
CA GLN B 5 13.74 10.96 4.43
C GLN B 5 14.65 9.74 4.23
N GLN B 6 14.05 8.63 3.84
CA GLN B 6 14.77 7.37 3.70
C GLN B 6 15.22 7.16 2.26
N SER B 7 16.23 6.32 2.10
CA SER B 7 16.75 5.97 0.78
C SER B 7 15.71 5.18 -0.01
N GLY B 8 15.93 5.08 -1.32
CA GLY B 8 14.99 4.46 -2.21
C GLY B 8 14.94 2.95 -2.08
N PRO B 9 13.94 2.33 -2.71
CA PRO B 9 13.86 0.87 -2.70
C PRO B 9 15.05 0.24 -3.41
N GLU B 10 15.39 -0.98 -2.99
CA GLU B 10 16.56 -1.65 -3.51
C GLU B 10 16.29 -3.13 -3.70
N LEU B 11 16.86 -3.70 -4.75
CA LEU B 11 16.82 -5.13 -5.00
C LEU B 11 18.20 -5.71 -4.68
N VAL B 12 18.25 -6.61 -3.70
CA VAL B 12 19.51 -7.18 -3.23
C VAL B 12 19.45 -8.69 -3.38
N LYS B 13 20.61 -9.29 -3.60
CA LYS B 13 20.69 -10.73 -3.78
C LYS B 13 20.75 -11.44 -2.42
N PRO B 14 20.27 -12.67 -2.35
CA PRO B 14 20.33 -13.41 -1.08
C PRO B 14 21.76 -13.60 -0.62
N GLY B 15 21.95 -13.49 0.70
CA GLY B 15 23.26 -13.64 1.30
C GLY B 15 24.14 -12.42 1.23
N THR B 16 23.69 -11.34 0.61
CA THR B 16 24.46 -10.10 0.52
C THR B 16 24.00 -9.14 1.62
N SER B 17 24.62 -7.96 1.64
CA SER B 17 24.36 -6.95 2.64
C SER B 17 23.82 -5.68 1.99
N MET B 18 23.01 -4.94 2.75
CA MET B 18 22.36 -3.75 2.25
C MET B 18 22.40 -2.65 3.31
N ASN B 19 22.79 -1.45 2.90
CA ASN B 19 22.76 -0.27 3.74
C ASN B 19 21.60 0.62 3.32
N ILE B 20 20.77 1.02 4.27
CA ILE B 20 19.71 1.96 3.99
C ILE B 20 19.85 3.16 4.93
N SER B 21 19.42 4.32 4.44
CA SER B 21 19.66 5.59 5.09
C SER B 21 18.36 6.22 5.57
N CYS B 22 18.50 7.16 6.50
CA CYS B 22 17.35 7.93 7.00
C CYS B 22 17.87 9.29 7.42
N LYS B 23 17.71 10.29 6.54
CA LYS B 23 18.15 11.64 6.83
C LYS B 23 17.08 12.36 7.65
N ALA B 24 17.43 12.73 8.88
CA ALA B 24 16.50 13.32 9.83
C ALA B 24 16.75 14.82 9.91
N SER B 25 15.80 15.61 9.42
CA SER B 25 15.88 17.06 9.44
C SER B 25 14.79 17.64 10.32
N GLY B 26 14.97 18.92 10.67
CA GLY B 26 13.97 19.65 11.40
C GLY B 26 14.09 19.63 12.91
N TYR B 27 15.11 18.96 13.45
CA TYR B 27 15.28 18.88 14.89
C TYR B 27 16.75 18.61 15.19
N THR B 28 17.09 18.67 16.48
CA THR B 28 18.44 18.39 16.93
C THR B 28 18.71 16.90 16.83
N PHE B 29 19.52 16.51 15.83
CA PHE B 29 19.74 15.09 15.54
C PHE B 29 20.30 14.33 16.74
N THR B 30 21.06 15.00 17.60
CA THR B 30 21.77 14.35 18.68
C THR B 30 20.99 14.34 19.99
N ASN B 31 19.71 14.70 19.97
CA ASN B 31 18.90 14.77 21.19
C ASN B 31 17.78 13.75 21.24
N TYR B 32 17.66 12.87 20.24
CA TYR B 32 16.55 11.93 20.18
C TYR B 32 17.05 10.58 19.69
N TYR B 33 16.39 9.52 20.15
CA TYR B 33 16.65 8.19 19.65
C TYR B 33 16.03 8.01 18.26
N MET B 34 16.68 7.19 17.44
CA MET B 34 16.16 6.81 16.14
C MET B 34 15.91 5.31 16.15
N HIS B 35 14.65 4.92 16.02
CA HIS B 35 14.26 3.52 16.00
C HIS B 35 14.07 3.03 14.57
N TRP B 36 14.16 1.71 14.40
CA TRP B 36 13.94 1.08 13.11
C TRP B 36 12.91 -0.02 13.26
N VAL B 37 11.98 -0.10 12.32
CA VAL B 37 10.87 -1.04 12.36
C VAL B 37 10.76 -1.73 11.01
N ARG B 38 10.53 -3.04 11.04
CA ARG B 38 10.35 -3.84 9.83
C ARG B 38 8.88 -4.22 9.67
N GLN B 39 8.40 -4.19 8.43
CA GLN B 39 7.04 -4.63 8.10
C GLN B 39 7.11 -5.50 6.85
N ARG B 40 7.04 -6.82 7.03
CA ARG B 40 7.03 -7.73 5.91
C ARG B 40 5.73 -7.57 5.12
N PRO B 41 5.75 -7.92 3.83
CA PRO B 41 4.56 -7.69 2.99
C PRO B 41 3.33 -8.36 3.55
N GLY B 42 2.29 -7.56 3.80
CA GLY B 42 1.05 -8.05 4.34
C GLY B 42 1.09 -8.45 5.80
N GLN B 43 2.22 -8.26 6.48
CA GLN B 43 2.38 -8.65 7.87
C GLN B 43 2.36 -7.40 8.76
N GLY B 44 2.58 -7.62 10.05
CA GLY B 44 2.59 -6.56 11.04
C GLY B 44 3.97 -5.94 11.21
N LEU B 45 4.09 -5.16 12.28
CA LEU B 45 5.30 -4.39 12.56
C LEU B 45 6.18 -5.12 13.58
N GLU B 46 7.48 -5.06 13.36
CA GLU B 46 8.47 -5.61 14.29
C GLU B 46 9.52 -4.56 14.57
N TRP B 47 9.87 -4.41 15.85
CA TRP B 47 10.87 -3.43 16.27
C TRP B 47 12.26 -4.04 16.15
N ILE B 48 13.16 -3.33 15.47
CA ILE B 48 14.52 -3.83 15.23
C ILE B 48 15.48 -3.35 16.31
N GLY B 49 15.48 -2.06 16.60
CA GLY B 49 16.40 -1.50 17.56
C GLY B 49 16.39 0.01 17.47
N TRP B 50 17.23 0.63 18.29
CA TRP B 50 17.39 2.07 18.23
C TRP B 50 18.86 2.45 18.35
N ILE B 51 19.15 3.69 17.97
CA ILE B 51 20.46 4.30 18.15
C ILE B 51 20.26 5.70 18.70
N TYR B 52 21.17 6.13 19.57
CA TYR B 52 21.21 7.51 20.04
C TYR B 52 22.36 8.20 19.32
N PRO B 53 22.11 8.99 18.27
CA PRO B 53 23.22 9.59 17.52
C PRO B 53 24.10 10.50 18.35
N GLY B 54 23.64 10.98 19.50
CA GLY B 54 24.45 11.84 20.34
C GLY B 54 25.70 11.17 20.88
N ASP B 55 25.73 9.84 20.93
CA ASP B 55 26.89 9.14 21.46
C ASP B 55 27.13 7.77 20.85
N GLY B 56 26.36 7.35 19.84
CA GLY B 56 26.53 6.05 19.25
C GLY B 56 25.91 4.90 20.02
N ASN B 57 25.20 5.19 21.12
CA ASN B 57 24.59 4.13 21.93
C ASN B 57 23.50 3.42 21.13
N THR B 58 23.42 2.10 21.30
CA THR B 58 22.46 1.28 20.58
C THR B 58 21.85 0.23 21.50
N HIS B 59 20.73 -0.33 21.05
CA HIS B 59 20.10 -1.47 21.71
C HIS B 59 19.27 -2.20 20.66
N TYR B 60 19.43 -3.52 20.58
CA TYR B 60 18.85 -4.30 19.51
C TYR B 60 17.83 -5.30 20.04
N ASN B 61 16.81 -5.55 19.23
CA ASN B 61 15.99 -6.75 19.39
C ASN B 61 16.87 -7.97 19.11
N GLU B 62 16.83 -8.95 20.02
CA GLU B 62 17.65 -10.14 19.87
C GLU B 62 17.35 -10.87 18.57
N LYS B 63 16.14 -10.71 18.04
CA LYS B 63 15.78 -11.34 16.77
C LYS B 63 16.62 -10.79 15.62
N PHE B 64 16.97 -9.50 15.67
CA PHE B 64 17.72 -8.86 14.60
C PHE B 64 19.18 -8.60 14.93
N LYS B 65 19.60 -8.85 16.17
CA LYS B 65 20.95 -8.46 16.61
C LYS B 65 22.03 -9.16 15.79
N GLY B 66 21.76 -10.37 15.31
CA GLY B 66 22.79 -11.13 14.62
C GLY B 66 23.14 -10.59 13.25
N LYS B 67 22.22 -9.87 12.61
CA LYS B 67 22.42 -9.44 11.22
C LYS B 67 22.07 -7.97 11.00
N THR B 68 22.10 -7.14 12.04
CA THR B 68 21.76 -5.74 11.92
C THR B 68 22.78 -4.89 12.65
N THR B 69 23.18 -3.79 12.03
CA THR B 69 24.10 -2.82 12.62
C THR B 69 23.55 -1.44 12.38
N LEU B 70 23.32 -0.69 13.45
CA LEU B 70 22.83 0.69 13.36
C LEU B 70 23.99 1.65 13.57
N THR B 71 24.12 2.62 12.68
CA THR B 71 25.11 3.68 12.79
C THR B 71 24.43 5.02 12.56
N ALA B 72 25.16 6.09 12.89
CA ALA B 72 24.65 7.44 12.69
C ALA B 72 25.81 8.37 12.38
N ASP B 73 25.56 9.36 11.53
CA ASP B 73 26.54 10.36 11.13
C ASP B 73 25.98 11.74 11.44
N THR B 74 26.49 12.36 12.50
CA THR B 74 25.93 13.64 12.95
C THR B 74 26.20 14.77 11.96
N SER B 75 27.33 14.72 11.24
CA SER B 75 27.64 15.78 10.29
C SER B 75 26.63 15.84 9.16
N SER B 76 26.11 14.70 8.74
CA SER B 76 25.12 14.63 7.68
C SER B 76 23.72 14.34 8.20
N ILE B 77 23.51 14.48 9.51
CA ILE B 77 22.26 14.18 10.22
C ILE B 77 21.54 12.98 9.61
N THR B 78 22.26 11.89 9.39
CA THR B 78 21.73 10.71 8.72
C THR B 78 21.99 9.48 9.57
N ALA B 79 20.95 8.66 9.74
CA ALA B 79 21.08 7.37 10.40
C ALA B 79 21.12 6.26 9.36
N TYR B 80 21.93 5.23 9.62
CA TYR B 80 22.07 4.10 8.72
C TYR B 80 21.72 2.81 9.43
N MET B 81 21.26 1.83 8.65
CA MET B 81 21.06 0.47 9.14
C MET B 81 21.65 -0.50 8.14
N LEU B 82 22.59 -1.33 8.62
CA LEU B 82 23.21 -2.35 7.79
C LEU B 82 22.51 -3.68 8.05
N LEU B 83 21.90 -4.24 7.01
CA LEU B 83 21.32 -5.57 7.06
C LEU B 83 22.23 -6.52 6.28
N SER B 84 22.75 -7.53 6.96
CA SER B 84 23.70 -8.45 6.35
C SER B 84 23.11 -9.85 6.28
N SER B 85 23.70 -10.69 5.43
CA SER B 85 23.29 -12.07 5.24
C SER B 85 21.79 -12.16 4.96
N LEU B 86 21.34 -11.34 4.02
CA LEU B 86 19.91 -11.19 3.78
C LEU B 86 19.31 -12.47 3.19
N THR B 87 18.12 -12.82 3.66
CA THR B 87 17.35 -13.93 3.16
C THR B 87 16.03 -13.43 2.58
N SER B 88 15.28 -14.34 1.95
CA SER B 88 14.00 -13.95 1.36
C SER B 88 13.01 -13.47 2.41
N GLU B 89 13.10 -14.01 3.64
CA GLU B 89 12.26 -13.55 4.72
C GLU B 89 12.52 -12.09 5.07
N ASP B 90 13.68 -11.56 4.71
CA ASP B 90 14.02 -10.17 5.00
C ASP B 90 13.42 -9.19 3.99
N SER B 91 12.78 -9.67 2.93
CA SER B 91 12.04 -8.80 2.03
C SER B 91 10.93 -8.11 2.81
N ALA B 92 11.00 -6.78 2.90
CA ALA B 92 10.06 -6.03 3.73
C ALA B 92 10.25 -4.54 3.49
N VAL B 93 9.34 -3.76 4.07
CA VAL B 93 9.49 -2.32 4.17
C VAL B 93 10.14 -2.01 5.51
N TYR B 94 11.21 -1.22 5.48
CA TYR B 94 11.93 -0.84 6.69
C TYR B 94 11.71 0.65 6.94
N PHE B 95 11.16 0.97 8.11
CA PHE B 95 10.94 2.34 8.53
C PHE B 95 11.99 2.78 9.53
N CYS B 96 12.34 4.05 9.48
CA CYS B 96 13.01 4.71 10.58
C CYS B 96 11.99 5.57 11.32
N ALA B 97 12.08 5.60 12.64
CA ALA B 97 11.11 6.32 13.45
C ALA B 97 11.82 7.00 14.61
N ARG B 98 11.47 8.25 14.84
CA ARG B 98 12.00 9.03 15.96
C ARG B 98 10.99 8.99 17.10
N ASP B 99 11.49 8.93 18.32
CA ASP B 99 10.62 8.96 19.49
C ASP B 99 10.54 10.38 20.03
N ASN B 100 9.95 10.54 21.20
CA ASN B 100 9.86 11.84 21.84
C ASN B 100 10.21 11.69 23.31
N SER B 101 10.60 12.82 23.91
CA SER B 101 11.03 12.84 25.31
C SER B 101 9.96 12.33 26.26
N TYR B 103 6.89 11.67 26.48
CA TYR B 103 5.92 10.63 26.20
C TYR B 103 6.59 9.42 25.54
N VAL B 104 5.82 8.35 25.36
CA VAL B 104 6.31 7.15 24.70
C VAL B 104 5.60 7.00 23.36
N GLY B 105 6.16 6.14 22.51
CA GLY B 105 5.67 5.99 21.15
C GLY B 105 6.53 6.75 20.16
N PHE B 106 6.22 6.53 18.88
CA PHE B 106 6.99 7.12 17.79
C PHE B 106 6.12 8.10 17.01
N PRO B 107 6.26 9.42 17.25
CA PRO B 107 5.40 10.38 16.54
C PRO B 107 5.85 10.71 15.13
N TYR B 108 7.10 10.44 14.76
CA TYR B 108 7.62 10.82 13.45
C TYR B 108 8.22 9.59 12.77
N TRP B 109 7.80 9.36 11.53
CA TRP B 109 8.20 8.18 10.77
C TRP B 109 8.70 8.59 9.39
N GLY B 110 9.68 7.84 8.89
CA GLY B 110 10.07 7.95 7.50
C GLY B 110 9.07 7.27 6.59
N GLN B 111 9.23 7.50 5.29
CA GLN B 111 8.29 6.93 4.33
C GLN B 111 8.48 5.44 4.14
N GLY B 112 9.56 4.87 4.63
CA GLY B 112 9.79 3.43 4.48
C GLY B 112 10.58 3.10 3.23
N THR B 113 11.41 2.08 3.35
CA THR B 113 12.26 1.61 2.26
C THR B 113 11.94 0.14 1.97
N LEU B 114 11.47 -0.14 0.77
CA LEU B 114 11.10 -1.49 0.37
C LEU B 114 12.35 -2.20 -0.14
N VAL B 115 12.78 -3.23 0.57
CA VAL B 115 13.92 -4.05 0.18
C VAL B 115 13.39 -5.40 -0.30
N THR B 116 13.74 -5.75 -1.52
CA THR B 116 13.37 -7.04 -2.12
C THR B 116 14.63 -7.89 -2.23
N VAL B 117 14.62 -9.04 -1.56
CA VAL B 117 15.72 -10.00 -1.63
C VAL B 117 15.36 -11.03 -2.68
N SER B 118 16.06 -11.00 -3.81
CA SER B 118 15.72 -11.84 -4.95
C SER B 118 16.94 -11.99 -5.83
N ALA B 119 16.99 -13.11 -6.56
CA ALA B 119 18.03 -13.34 -7.55
C ALA B 119 17.64 -12.84 -8.93
N ALA B 120 16.41 -12.36 -9.10
CA ALA B 120 15.96 -11.85 -10.39
C ALA B 120 16.62 -10.51 -10.69
N LYS B 121 16.64 -10.16 -11.97
CA LYS B 121 17.24 -8.91 -12.41
C LYS B 121 16.26 -7.76 -12.30
N THR B 122 16.81 -6.55 -12.21
CA THR B 122 15.99 -5.36 -12.25
C THR B 122 15.47 -5.14 -13.66
N THR B 123 14.14 -5.01 -13.80
CA THR B 123 13.51 -4.86 -15.10
C THR B 123 12.62 -3.63 -15.07
N PRO B 124 12.88 -2.62 -15.92
CA PRO B 124 11.97 -1.48 -15.98
C PRO B 124 10.67 -1.87 -16.66
N PRO B 125 9.58 -1.18 -16.36
CA PRO B 125 8.29 -1.53 -16.96
C PRO B 125 8.10 -0.92 -18.33
N SER B 126 7.23 -1.57 -19.11
CA SER B 126 6.70 -1.01 -20.34
C SER B 126 5.33 -0.40 -20.03
N VAL B 127 5.16 0.87 -20.33
CA VAL B 127 3.94 1.60 -20.01
C VAL B 127 3.12 1.74 -21.28
N TYR B 128 1.91 1.19 -21.27
CA TYR B 128 1.05 1.17 -22.43
C TYR B 128 -0.22 1.99 -22.17
N PRO B 129 -0.63 2.84 -23.11
CA PRO B 129 -1.86 3.61 -22.90
C PRO B 129 -3.10 2.75 -23.05
N LEU B 130 -4.09 3.02 -22.20
CA LEU B 130 -5.38 2.35 -22.26
C LEU B 130 -6.40 3.37 -22.75
N ALA B 131 -6.71 3.32 -24.05
CA ALA B 131 -7.67 4.21 -24.68
C ALA B 131 -8.92 3.45 -25.08
N PRO B 132 -10.10 4.07 -24.98
CA PRO B 132 -11.34 3.34 -25.30
C PRO B 132 -11.37 2.92 -26.77
N GLY B 133 -12.06 1.81 -27.03
CA GLY B 133 -12.25 1.38 -28.40
C GLY B 133 -12.97 2.43 -29.23
N SER B 134 -12.64 2.45 -30.53
CA SER B 134 -13.15 3.50 -31.41
C SER B 134 -14.68 3.48 -31.46
N ALA B 135 -15.26 2.29 -31.55
CA ALA B 135 -16.71 2.13 -31.54
C ALA B 135 -17.28 2.52 -30.18
N SER B 140 -21.46 10.84 -20.96
CA SER B 140 -21.38 11.46 -19.64
C SER B 140 -19.94 11.74 -19.26
N MET B 141 -19.18 10.66 -19.01
CA MET B 141 -17.77 10.75 -18.73
C MET B 141 -17.07 9.50 -19.26
N VAL B 142 -15.74 9.56 -19.29
CA VAL B 142 -14.92 8.54 -19.91
C VAL B 142 -13.82 8.12 -18.95
N THR B 143 -13.45 6.85 -19.02
CA THR B 143 -12.39 6.29 -18.19
C THR B 143 -11.20 5.93 -19.06
N LEU B 144 -10.02 6.39 -18.68
CA LEU B 144 -8.76 6.06 -19.33
C LEU B 144 -7.90 5.25 -18.38
N GLY B 145 -6.71 4.86 -18.85
CA GLY B 145 -5.83 4.07 -18.01
C GLY B 145 -4.45 3.95 -18.60
N CYS B 146 -3.55 3.43 -17.76
CA CYS B 146 -2.21 3.08 -18.19
C CYS B 146 -1.87 1.69 -17.66
N LEU B 147 -1.27 0.88 -18.51
CA LEU B 147 -0.87 -0.48 -18.17
C LEU B 147 0.63 -0.52 -17.93
N VAL B 148 1.03 -0.86 -16.70
CA VAL B 148 2.42 -0.91 -16.30
C VAL B 148 2.83 -2.37 -16.19
N LYS B 149 3.37 -2.94 -17.26
CA LYS B 149 3.54 -4.38 -17.41
C LYS B 149 5.02 -4.77 -17.37
N GLY B 150 5.31 -5.83 -16.62
CA GLY B 150 6.59 -6.51 -16.69
C GLY B 150 7.76 -5.79 -16.06
N TYR B 151 7.64 -5.42 -14.79
CA TYR B 151 8.72 -4.78 -14.06
C TYR B 151 9.08 -5.59 -12.83
N PHE B 152 10.28 -5.29 -12.29
CA PHE B 152 10.79 -5.92 -11.08
C PHE B 152 11.97 -5.11 -10.59
N PRO B 153 12.07 -4.83 -9.29
CA PRO B 153 11.09 -5.22 -8.27
C PRO B 153 10.04 -4.14 -8.03
N GLU B 154 9.23 -4.33 -7.00
CA GLU B 154 8.33 -3.28 -6.55
C GLU B 154 9.14 -2.16 -5.90
N PRO B 155 8.57 -0.95 -5.79
CA PRO B 155 7.26 -0.51 -6.26
C PRO B 155 7.31 0.36 -7.51
N VAL B 156 6.14 0.77 -7.98
CA VAL B 156 6.00 1.83 -8.97
C VAL B 156 4.98 2.82 -8.45
N THR B 157 5.15 4.09 -8.85
CA THR B 157 4.22 5.14 -8.51
C THR B 157 3.59 5.66 -9.79
N VAL B 158 2.27 5.83 -9.79
CA VAL B 158 1.54 6.30 -10.96
C VAL B 158 0.75 7.54 -10.55
N THR B 159 0.99 8.64 -11.25
CA THR B 159 0.18 9.85 -11.13
C THR B 159 -0.37 10.21 -12.51
N TRP B 160 -1.36 11.09 -12.51
CA TRP B 160 -2.00 11.55 -13.74
C TRP B 160 -1.89 13.05 -13.83
N ASN B 161 -1.34 13.54 -14.95
CA ASN B 161 -1.06 14.96 -15.15
C ASN B 161 -0.21 15.52 -14.02
N SER B 162 0.73 14.69 -13.54
CA SER B 162 1.68 15.07 -12.49
C SER B 162 0.95 15.50 -11.20
N GLY B 163 -0.14 14.82 -10.89
CA GLY B 163 -0.84 15.03 -9.64
C GLY B 163 -2.10 15.86 -9.74
N SER B 164 -2.34 16.53 -10.86
CA SER B 164 -3.54 17.35 -11.01
C SER B 164 -4.80 16.48 -10.96
N LEU B 165 -4.87 15.48 -11.82
CA LEU B 165 -5.98 14.52 -11.82
C LEU B 165 -5.71 13.50 -10.72
N SER B 166 -6.31 13.73 -9.55
CA SER B 166 -6.20 12.83 -8.41
C SER B 166 -7.54 12.26 -8.00
N SER B 167 -8.60 13.07 -8.04
CA SER B 167 -9.95 12.56 -7.91
C SER B 167 -10.23 11.61 -9.06
N GLY B 168 -11.02 10.58 -8.79
CA GLY B 168 -11.37 9.61 -9.80
C GLY B 168 -10.21 8.83 -10.34
N VAL B 169 -9.14 8.66 -9.58
CA VAL B 169 -7.97 7.89 -9.98
C VAL B 169 -7.91 6.64 -9.12
N HIS B 170 -7.87 5.48 -9.76
CA HIS B 170 -7.71 4.19 -9.08
C HIS B 170 -6.44 3.54 -9.60
N THR B 171 -5.53 3.20 -8.68
CA THR B 171 -4.33 2.44 -9.01
C THR B 171 -4.45 1.07 -8.37
N PHE B 172 -4.39 0.02 -9.18
CA PHE B 172 -4.64 -1.31 -8.66
C PHE B 172 -3.32 -1.95 -8.22
N PRO B 173 -3.35 -2.69 -7.11
CA PRO B 173 -2.12 -3.36 -6.64
C PRO B 173 -1.57 -4.30 -7.69
N ALA B 174 -0.24 -4.33 -7.80
CA ALA B 174 0.40 -5.19 -8.79
C ALA B 174 0.22 -6.66 -8.44
N VAL B 175 0.25 -7.50 -9.47
CA VAL B 175 0.22 -8.95 -9.31
C VAL B 175 1.49 -9.51 -9.93
N LEU B 176 2.03 -10.56 -9.31
CA LEU B 176 3.30 -11.15 -9.71
C LEU B 176 3.04 -12.36 -10.60
N GLN B 177 3.28 -12.20 -11.91
CA GLN B 177 3.24 -13.28 -12.86
C GLN B 177 4.39 -13.12 -13.83
N SER B 178 4.90 -14.24 -14.35
CA SER B 178 6.08 -14.27 -15.21
C SER B 178 7.33 -13.80 -14.48
N ASP B 179 7.37 -13.99 -13.16
CA ASP B 179 8.41 -13.46 -12.29
C ASP B 179 8.54 -11.94 -12.41
N LEU B 180 7.49 -11.29 -12.91
CA LEU B 180 7.45 -9.84 -13.09
C LEU B 180 6.14 -9.32 -12.54
N TYR B 181 6.11 -8.02 -12.26
CA TYR B 181 4.91 -7.38 -11.76
C TYR B 181 4.19 -6.67 -12.90
N THR B 182 2.86 -6.73 -12.87
CA THR B 182 2.02 -5.99 -13.81
C THR B 182 1.00 -5.19 -13.01
N LEU B 183 0.93 -3.89 -13.27
CA LEU B 183 0.05 -2.99 -12.57
C LEU B 183 -0.74 -2.17 -13.59
N SER B 184 -1.93 -1.73 -13.18
CA SER B 184 -2.74 -0.85 -13.99
C SER B 184 -3.31 0.26 -13.11
N SER B 185 -3.59 1.41 -13.72
CA SER B 185 -4.17 2.52 -13.00
C SER B 185 -5.28 3.14 -13.85
N SER B 186 -6.38 3.49 -13.19
CA SER B 186 -7.58 4.01 -13.86
C SER B 186 -7.74 5.50 -13.55
N VAL B 187 -8.24 6.24 -14.53
CA VAL B 187 -8.57 7.64 -14.35
C VAL B 187 -9.85 7.94 -15.14
N THR B 188 -10.76 8.68 -14.51
CA THR B 188 -12.03 9.05 -15.13
C THR B 188 -12.16 10.56 -15.09
N VAL B 189 -12.33 11.17 -16.26
CA VAL B 189 -12.39 12.63 -16.38
C VAL B 189 -13.69 12.99 -17.09
N PRO B 190 -14.11 14.26 -17.00
CA PRO B 190 -15.27 14.70 -17.80
C PRO B 190 -15.04 14.44 -19.27
N SER B 191 -16.06 13.85 -19.92
CA SER B 191 -15.94 13.49 -21.33
C SER B 191 -15.69 14.70 -22.23
N SER B 192 -16.06 15.90 -21.77
CA SER B 192 -15.81 17.11 -22.54
C SER B 192 -14.36 17.57 -22.48
N THR B 193 -13.55 17.01 -21.58
CA THR B 193 -12.16 17.41 -21.43
C THR B 193 -11.20 16.54 -22.23
N TRP B 194 -11.63 15.35 -22.64
CA TRP B 194 -10.81 14.45 -23.44
C TRP B 194 -11.58 14.05 -24.69
N PRO B 195 -10.93 14.07 -25.86
CA PRO B 195 -9.51 14.41 -26.07
C PRO B 195 -9.22 15.90 -26.18
N SER B 196 -10.14 16.73 -25.70
CA SER B 196 -9.95 18.18 -25.78
C SER B 196 -8.66 18.60 -25.08
N ASP B 197 -8.45 18.12 -23.86
CA ASP B 197 -7.23 18.38 -23.10
C ASP B 197 -6.41 17.11 -22.97
N THR B 198 -5.18 17.28 -22.48
CA THR B 198 -4.21 16.20 -22.47
C THR B 198 -4.27 15.41 -21.17
N VAL B 199 -4.28 14.08 -21.29
CA VAL B 199 -4.23 13.17 -20.15
C VAL B 199 -2.95 12.37 -20.25
N THR B 200 -2.13 12.42 -19.21
CA THR B 200 -0.82 11.76 -19.21
C THR B 200 -0.64 11.02 -17.89
N CYS B 201 -0.20 9.77 -17.97
CA CYS B 201 0.18 9.01 -16.78
C CYS B 201 1.68 9.13 -16.57
N ASN B 202 2.08 9.35 -15.32
CA ASN B 202 3.48 9.50 -14.93
C ASN B 202 3.86 8.29 -14.11
N VAL B 203 4.61 7.37 -14.71
CA VAL B 203 5.04 6.13 -14.07
C VAL B 203 6.50 6.28 -13.68
N ALA B 204 6.82 5.96 -12.43
CA ALA B 204 8.18 5.97 -11.93
C ALA B 204 8.50 4.60 -11.35
N HIS B 205 9.63 4.03 -11.76
CA HIS B 205 10.13 2.76 -11.23
C HIS B 205 11.45 3.06 -10.53
N PRO B 206 11.43 3.44 -9.25
CA PRO B 206 12.64 3.94 -8.60
C PRO B 206 13.77 2.92 -8.53
N ALA B 207 13.47 1.63 -8.40
CA ALA B 207 14.53 0.63 -8.37
C ALA B 207 15.32 0.58 -9.68
N SER B 208 14.71 1.02 -10.79
CA SER B 208 15.40 1.15 -12.05
C SER B 208 15.76 2.59 -12.37
N SER B 209 15.34 3.54 -11.54
CA SER B 209 15.52 4.97 -11.81
C SER B 209 14.91 5.38 -13.15
N THR B 210 13.79 4.76 -13.50
CA THR B 210 13.11 5.01 -14.77
C THR B 210 11.81 5.76 -14.52
N LYS B 211 11.54 6.73 -15.39
CA LYS B 211 10.30 7.49 -15.39
C LYS B 211 9.74 7.54 -16.81
N VAL B 212 8.44 7.30 -16.93
CA VAL B 212 7.76 7.31 -18.23
C VAL B 212 6.52 8.18 -18.11
N ASP B 213 6.31 9.05 -19.11
CA ASP B 213 5.15 9.94 -19.19
C ASP B 213 4.38 9.60 -20.46
N LYS B 214 3.40 8.70 -20.35
CA LYS B 214 2.65 8.22 -21.51
C LYS B 214 1.37 9.02 -21.67
N LYS B 215 1.24 9.72 -22.79
CA LYS B 215 0.02 10.45 -23.11
C LYS B 215 -1.02 9.49 -23.70
N ILE B 216 -2.25 9.63 -23.24
CA ILE B 216 -3.36 8.81 -23.73
C ILE B 216 -3.99 9.52 -24.92
N VAL B 217 -3.79 8.97 -26.12
CA VAL B 217 -4.33 9.56 -27.34
C VAL B 217 -5.47 8.68 -27.85
N PRO B 218 -6.47 9.25 -28.53
CA PRO B 218 -7.58 8.43 -29.02
C PRO B 218 -7.15 7.55 -30.18
N ARG B 219 -7.93 6.50 -30.40
CA ARG B 219 -7.67 5.55 -31.48
C ARG B 219 -8.46 5.94 -32.73
C1 GOL C . 0.66 -0.84 -4.93
O1 GOL C . -0.11 -0.37 -6.00
C2 GOL C . 1.90 -1.53 -5.55
O2 GOL C . 1.56 -2.61 -6.36
C3 GOL C . 2.62 -0.40 -6.34
O3 GOL C . 3.94 -0.79 -6.49
C1 GOL D . 14.48 -11.88 11.27
O1 GOL D . 13.99 -13.05 11.84
C2 GOL D . 15.97 -12.13 10.93
O2 GOL D . 16.18 -12.22 9.56
C3 GOL D . 16.72 -10.94 11.55
O3 GOL D . 17.96 -10.86 10.93
C1 GOL E . 27.70 2.06 7.15
O1 GOL E . 28.23 0.94 6.51
C2 GOL E . 28.11 3.29 6.31
O2 GOL E . 27.14 3.64 5.38
C3 GOL E . 28.38 4.40 7.34
O3 GOL E . 29.58 5.01 6.98
#